data_7JK7
#
_entry.id   7JK7
#
_cell.length_a   98.320
_cell.length_b   78.630
_cell.length_c   89.540
_cell.angle_alpha   90.000
_cell.angle_beta   90.000
_cell.angle_gamma   90.000
#
_symmetry.space_group_name_H-M   'P 21 21 21'
#
loop_
_entity.id
_entity.type
_entity.pdbx_description
1 polymer 'Lysine-specific histone demethylase 1A'
2 polymer 'Importin subunit alpha-1'
3 non-polymer GLYCEROL
4 water water
#
loop_
_entity_poly.entity_id
_entity_poly.type
_entity_poly.pdbx_seq_one_letter_code
_entity_poly.pdbx_strand_id
1 'polypeptide(L)' TPEGRRTERRKRAKVEYREMDESLAN A
2 'polypeptide(L)'
;SPLQENRNNQGTVNWSVEDIVKGINSNNLESQLQATQAARKLLSREKQPPIDNIIRAGLIPKFVSFLGKTDCSPIQFESA
WALTNIASGTSEQTKAVVDGGAIPAFISLLASPHAHISEQAVWALGNIAGDGSAFRDLVIKHGAIDPLLALLAVPDLSTL
ACGYLRNLTWTLSNLCRNKNPAPPLDAVEQILPTLVRLLHHNDPEVLADSCWAISYLTDGPNERIEMVVKKGVVPQLVKL
LGATELPIVTPALRAIGNIVTGTDEQTQKVIDAGALAVFPSLLTNPKTNIQKEATWTMSNITAGRQDQIQQVVNHGLVPF
LVGVLSKADFKTQKEAAWAITNYTSGGTVEQIVYLVHCGIIEPLMNLLSAKDTKIIQVILDAISNIFQAAEKLGETEKLS
IMIEECGGLDKIEALQRHENESVYKASLNLIEKYFSVEEEEDQNVVPETTSEGFAFQVQDGAPGTFNFGS
;
B
#
loop_
_chem_comp.id
_chem_comp.type
_chem_comp.name
_chem_comp.formula
GOL non-polymer GLYCEROL 'C3 H8 O3'
#
# COMPACT_ATOMS: atom_id res chain seq x y z
N GLU A 8 1.51 -0.50 -6.29
CA GLU A 8 0.66 -0.60 -7.47
C GLU A 8 0.67 0.70 -8.29
N ARG A 9 0.53 0.56 -9.61
CA ARG A 9 0.54 1.72 -10.50
C ARG A 9 -0.75 2.52 -10.36
N ARG A 10 -0.61 3.85 -10.28
CA ARG A 10 -1.79 4.72 -10.21
C ARG A 10 -2.51 4.78 -11.56
N LYS A 11 -1.76 4.69 -12.66
CA LYS A 11 -2.29 4.80 -14.01
C LYS A 11 -1.49 3.86 -14.91
N ARG A 12 -2.13 3.40 -15.98
CA ARG A 12 -1.57 2.40 -16.87
C ARG A 12 -1.95 2.74 -18.29
N ALA A 13 -0.96 2.85 -19.17
CA ALA A 13 -1.24 2.97 -20.59
C ALA A 13 -1.36 1.56 -21.16
N LYS A 14 -2.25 1.40 -22.14
CA LYS A 14 -2.34 0.17 -22.92
C LYS A 14 -1.42 0.31 -24.14
N VAL A 15 -0.29 -0.38 -24.10
CA VAL A 15 0.77 -0.20 -25.10
C VAL A 15 0.91 -1.44 -25.98
N GLU A 16 1.46 -1.22 -27.17
CA GLU A 16 1.90 -2.31 -28.06
C GLU A 16 3.40 -2.20 -28.32
N GLY B 11 -2.36 2.11 -45.14
CA GLY B 11 -2.22 1.68 -43.77
C GLY B 11 -2.66 2.72 -42.75
N THR B 12 -2.67 2.33 -41.48
CA THR B 12 -3.05 3.22 -40.38
C THR B 12 -1.84 3.52 -39.49
N VAL B 13 -0.64 3.24 -39.97
CA VAL B 13 0.58 3.34 -39.19
C VAL B 13 1.28 4.66 -39.51
N ASN B 14 1.73 5.36 -38.46
CA ASN B 14 2.56 6.57 -38.57
C ASN B 14 1.81 7.74 -39.24
N TRP B 15 0.54 7.92 -38.92
CA TRP B 15 -0.16 9.10 -39.42
C TRP B 15 0.33 10.34 -38.69
N SER B 16 0.30 11.47 -39.40
CA SER B 16 0.47 12.75 -38.74
C SER B 16 -0.82 13.14 -38.01
N VAL B 17 -0.66 14.01 -37.00
CA VAL B 17 -1.82 14.54 -36.29
C VAL B 17 -2.73 15.27 -37.26
N GLU B 18 -2.14 16.05 -38.17
CA GLU B 18 -2.92 16.77 -39.18
C GLU B 18 -3.81 15.81 -39.98
N ASP B 19 -3.27 14.67 -40.41
CA ASP B 19 -4.06 13.70 -41.15
C ASP B 19 -5.17 13.09 -40.30
N ILE B 20 -4.87 12.76 -39.04
CA ILE B 20 -5.90 12.27 -38.12
C ILE B 20 -7.03 13.29 -38.01
N VAL B 21 -6.68 14.57 -37.86
CA VAL B 21 -7.69 15.61 -37.77
C VAL B 21 -8.54 15.64 -39.03
N LYS B 22 -7.89 15.57 -40.20
CA LYS B 22 -8.66 15.62 -41.43
C LYS B 22 -9.65 14.47 -41.51
N GLY B 23 -9.25 13.27 -41.09
CA GLY B 23 -10.15 12.13 -41.17
C GLY B 23 -11.28 12.18 -40.14
N ILE B 24 -10.97 12.61 -38.92
CA ILE B 24 -12.00 12.71 -37.90
C ILE B 24 -13.00 13.81 -38.21
N ASN B 25 -12.57 14.85 -38.93
CA ASN B 25 -13.49 15.90 -39.36
C ASN B 25 -14.25 15.57 -40.63
N SER B 26 -13.88 14.49 -41.33
CA SER B 26 -14.67 14.05 -42.47
C SER B 26 -16.09 13.77 -42.01
N ASN B 27 -17.02 13.70 -42.95
CA ASN B 27 -18.39 13.39 -42.59
C ASN B 27 -18.72 11.92 -42.85
N ASN B 28 -17.79 11.04 -42.49
CA ASN B 28 -17.75 9.65 -42.96
C ASN B 28 -17.26 8.80 -41.80
N LEU B 29 -18.18 8.03 -41.22
CA LEU B 29 -17.87 7.26 -40.02
C LEU B 29 -16.70 6.31 -40.25
N GLU B 30 -16.60 5.75 -41.45
CA GLU B 30 -15.50 4.83 -41.72
C GLU B 30 -14.18 5.57 -41.87
N SER B 31 -14.19 6.77 -42.47
CA SER B 31 -13.00 7.60 -42.41
C SER B 31 -12.65 7.96 -40.97
N GLN B 32 -13.67 8.28 -40.16
CA GLN B 32 -13.41 8.63 -38.77
C GLN B 32 -12.84 7.46 -37.98
N LEU B 33 -13.34 6.25 -38.26
CA LEU B 33 -12.81 5.06 -37.61
C LEU B 33 -11.34 4.86 -37.93
N GLN B 34 -10.97 4.99 -39.20
CA GLN B 34 -9.56 4.78 -39.56
C GLN B 34 -8.67 5.83 -38.91
N ALA B 35 -9.14 7.08 -38.84
CA ALA B 35 -8.35 8.11 -38.20
C ALA B 35 -8.23 7.89 -36.70
N THR B 36 -9.30 7.43 -36.06
CA THR B 36 -9.24 7.11 -34.65
C THR B 36 -8.28 5.96 -34.38
N GLN B 37 -8.29 4.93 -35.23
CA GLN B 37 -7.30 3.87 -35.11
C GLN B 37 -5.88 4.42 -35.24
N ALA B 38 -5.65 5.29 -36.21
CA ALA B 38 -4.31 5.84 -36.39
C ALA B 38 -3.89 6.62 -35.15
N ALA B 39 -4.84 7.33 -34.53
CA ALA B 39 -4.55 8.01 -33.27
C ALA B 39 -4.26 7.01 -32.15
N ARG B 40 -5.06 5.95 -32.06
CA ARG B 40 -4.77 4.92 -31.06
C ARG B 40 -3.35 4.39 -31.21
N LYS B 41 -2.90 4.21 -32.45
CA LYS B 41 -1.58 3.63 -32.67
C LYS B 41 -0.47 4.62 -32.34
N LEU B 42 -0.68 5.91 -32.60
CA LEU B 42 0.28 6.91 -32.10
C LEU B 42 0.39 6.85 -30.58
N LEU B 43 -0.76 6.73 -29.90
CA LEU B 43 -0.78 6.81 -28.44
C LEU B 43 -0.32 5.54 -27.77
N SER B 44 -0.26 4.41 -28.48
CA SER B 44 0.05 3.14 -27.88
C SER B 44 1.36 2.52 -28.36
N ARG B 45 1.85 2.93 -29.52
CA ARG B 45 2.99 2.26 -30.14
C ARG B 45 4.26 3.11 -30.06
N GLU B 46 4.15 4.35 -29.62
CA GLU B 46 5.31 5.21 -29.49
C GLU B 46 5.73 5.32 -28.03
N LYS B 47 7.04 5.43 -27.85
CA LYS B 47 7.60 6.10 -26.69
C LYS B 47 7.48 7.60 -26.94
N GLN B 48 7.21 8.35 -25.88
CA GLN B 48 6.88 9.77 -26.03
C GLN B 48 5.65 9.93 -26.92
N PRO B 49 4.52 9.31 -26.58
CA PRO B 49 3.30 9.51 -27.39
C PRO B 49 2.90 10.96 -27.37
N PRO B 50 2.41 11.49 -28.51
CA PRO B 50 2.11 12.93 -28.61
C PRO B 50 0.76 13.30 -28.00
N ILE B 51 0.62 13.04 -26.70
CA ILE B 51 -0.65 13.28 -26.02
C ILE B 51 -1.04 14.75 -26.13
N ASP B 52 -0.11 15.66 -25.85
CA ASP B 52 -0.49 17.07 -25.84
C ASP B 52 -0.87 17.56 -27.23
N ASN B 53 -0.20 17.05 -28.27
CA ASN B 53 -0.57 17.42 -29.63
C ASN B 53 -1.98 16.96 -29.95
N ILE B 54 -2.34 15.74 -29.56
CA ILE B 54 -3.69 15.23 -29.77
C ILE B 54 -4.71 16.10 -29.03
N ILE B 55 -4.40 16.47 -27.80
CA ILE B 55 -5.31 17.35 -27.05
C ILE B 55 -5.43 18.71 -27.74
N ARG B 56 -4.30 19.31 -28.11
CA ARG B 56 -4.34 20.65 -28.71
C ARG B 56 -5.11 20.66 -30.02
N ALA B 57 -5.13 19.53 -30.73
CA ALA B 57 -5.93 19.42 -31.95
C ALA B 57 -7.42 19.39 -31.70
N GLY B 58 -7.87 19.34 -30.45
CA GLY B 58 -9.29 19.28 -30.17
C GLY B 58 -9.95 17.93 -30.35
N LEU B 59 -9.21 16.82 -30.25
CA LEU B 59 -9.77 15.52 -30.58
C LEU B 59 -10.53 14.85 -29.44
N ILE B 60 -10.36 15.28 -28.18
CA ILE B 60 -11.00 14.56 -27.08
C ILE B 60 -12.52 14.58 -27.19
N PRO B 61 -13.17 15.71 -27.46
CA PRO B 61 -14.64 15.69 -27.63
C PRO B 61 -15.10 14.76 -28.74
N LYS B 62 -14.34 14.65 -29.84
CA LYS B 62 -14.70 13.73 -30.90
C LYS B 62 -14.63 12.30 -30.41
N PHE B 63 -13.51 11.92 -29.78
CA PHE B 63 -13.39 10.58 -29.21
C PHE B 63 -14.53 10.27 -28.26
N VAL B 64 -14.89 11.22 -27.39
CA VAL B 64 -15.96 10.96 -26.44
C VAL B 64 -17.27 10.69 -27.16
N SER B 65 -17.56 11.45 -28.22
CA SER B 65 -18.81 11.18 -28.95
C SER B 65 -18.78 9.82 -29.64
N PHE B 66 -17.60 9.38 -30.09
CA PHE B 66 -17.50 8.04 -30.68
C PHE B 66 -17.81 6.93 -29.67
N LEU B 67 -17.61 7.18 -28.37
CA LEU B 67 -17.94 6.17 -27.37
C LEU B 67 -19.42 5.79 -27.45
N GLY B 68 -20.26 6.68 -27.95
CA GLY B 68 -21.68 6.46 -28.06
C GLY B 68 -22.16 5.81 -29.35
N LYS B 69 -21.27 5.46 -30.29
CA LYS B 69 -21.65 4.92 -31.60
C LYS B 69 -21.91 3.43 -31.48
N THR B 70 -23.07 3.08 -30.92
CA THR B 70 -23.42 1.67 -30.72
C THR B 70 -23.37 0.85 -32.01
N ASP B 71 -23.62 1.47 -33.16
CA ASP B 71 -23.67 0.76 -34.43
C ASP B 71 -22.30 0.48 -35.01
N CYS B 72 -21.25 1.09 -34.46
CA CYS B 72 -19.90 0.91 -34.97
C CYS B 72 -19.05 0.58 -33.75
N SER B 73 -19.18 -0.65 -33.27
CA SER B 73 -18.41 -1.06 -32.10
C SER B 73 -16.90 -0.89 -32.32
N PRO B 74 -16.34 -1.03 -33.52
CA PRO B 74 -14.90 -0.75 -33.66
C PRO B 74 -14.50 0.67 -33.29
N ILE B 75 -15.32 1.68 -33.55
CA ILE B 75 -14.89 3.04 -33.24
C ILE B 75 -15.09 3.34 -31.75
N GLN B 76 -16.06 2.68 -31.12
CA GLN B 76 -16.14 2.68 -29.66
C GLN B 76 -14.86 2.16 -29.04
N PHE B 77 -14.35 1.03 -29.55
CA PHE B 77 -13.15 0.41 -28.97
C PHE B 77 -11.91 1.27 -29.23
N GLU B 78 -11.74 1.74 -30.46
CA GLU B 78 -10.56 2.56 -30.76
C GLU B 78 -10.58 3.87 -29.99
N SER B 79 -11.75 4.52 -29.87
CA SER B 79 -11.80 5.78 -29.12
CA SER B 79 -11.83 5.77 -29.12
C SER B 79 -11.59 5.53 -27.64
N ALA B 80 -12.11 4.42 -27.10
CA ALA B 80 -11.90 4.08 -25.69
C ALA B 80 -10.43 3.86 -25.38
N TRP B 81 -9.71 3.21 -26.29
CA TRP B 81 -8.29 2.95 -26.09
C TRP B 81 -7.47 4.23 -26.19
N ALA B 82 -7.76 5.07 -27.20
CA ALA B 82 -7.10 6.36 -27.29
C ALA B 82 -7.34 7.18 -26.03
N LEU B 83 -8.57 7.22 -25.52
CA LEU B 83 -8.83 8.03 -24.33
C LEU B 83 -8.22 7.41 -23.07
N THR B 84 -8.14 6.07 -23.01
CA THR B 84 -7.47 5.40 -21.90
C THR B 84 -6.04 5.88 -21.78
N ASN B 85 -5.33 5.95 -22.91
CA ASN B 85 -3.93 6.32 -22.87
C ASN B 85 -3.73 7.81 -22.66
N ILE B 86 -4.63 8.65 -23.13
CA ILE B 86 -4.60 10.06 -22.74
C ILE B 86 -4.81 10.19 -21.23
N ALA B 87 -5.79 9.47 -20.69
CA ALA B 87 -6.07 9.52 -19.26
C ALA B 87 -4.96 8.91 -18.42
N SER B 88 -4.05 8.15 -19.03
CA SER B 88 -2.93 7.57 -18.28
C SER B 88 -1.80 8.56 -18.03
N GLY B 89 -1.88 9.77 -18.56
CA GLY B 89 -0.76 10.70 -18.45
C GLY B 89 -0.82 11.55 -17.20
N THR B 90 -0.47 12.83 -17.34
CA THR B 90 -0.48 13.76 -16.23
C THR B 90 -1.91 14.08 -15.81
N SER B 91 -2.05 14.64 -14.60
CA SER B 91 -3.34 15.09 -14.10
C SER B 91 -4.02 16.03 -15.09
N GLU B 92 -3.24 16.90 -15.74
CA GLU B 92 -3.81 17.81 -16.72
C GLU B 92 -4.37 17.05 -17.92
N GLN B 93 -3.68 16.00 -18.32
CA GLN B 93 -4.17 15.20 -19.44
C GLN B 93 -5.38 14.37 -19.02
N THR B 94 -5.37 13.79 -17.83
CA THR B 94 -6.56 13.10 -17.35
C THR B 94 -7.73 14.06 -17.25
N LYS B 95 -7.48 15.28 -16.75
CA LYS B 95 -8.54 16.28 -16.62
C LYS B 95 -9.18 16.63 -17.96
N ALA B 96 -8.38 16.69 -19.02
CA ALA B 96 -8.95 16.96 -20.34
C ALA B 96 -9.92 15.86 -20.77
N VAL B 97 -9.63 14.61 -20.43
CA VAL B 97 -10.56 13.50 -20.72
C VAL B 97 -11.85 13.66 -19.92
N VAL B 98 -11.73 13.91 -18.62
CA VAL B 98 -12.91 14.14 -17.79
C VAL B 98 -13.72 15.34 -18.31
N ASP B 99 -13.02 16.41 -18.68
CA ASP B 99 -13.70 17.64 -19.09
C ASP B 99 -14.44 17.47 -20.42
N GLY B 100 -14.06 16.49 -21.25
CA GLY B 100 -14.80 16.17 -22.45
C GLY B 100 -16.06 15.34 -22.27
N GLY B 101 -16.47 15.08 -21.03
CA GLY B 101 -17.64 14.25 -20.80
C GLY B 101 -17.40 12.74 -20.76
N ALA B 102 -16.15 12.30 -20.61
CA ALA B 102 -15.85 10.89 -20.75
C ALA B 102 -16.40 10.00 -19.63
N ILE B 103 -16.63 10.50 -18.42
CA ILE B 103 -16.97 9.58 -17.31
C ILE B 103 -18.31 8.90 -17.58
N PRO B 104 -19.41 9.63 -17.82
CA PRO B 104 -20.68 8.92 -18.05
C PRO B 104 -20.68 8.10 -19.33
N ALA B 105 -19.94 8.52 -20.36
CA ALA B 105 -19.86 7.74 -21.60
C ALA B 105 -19.18 6.39 -21.35
N PHE B 106 -18.11 6.37 -20.56
CA PHE B 106 -17.46 5.10 -20.23
C PHE B 106 -18.34 4.24 -19.34
N ILE B 107 -19.06 4.86 -18.40
CA ILE B 107 -19.91 4.06 -17.53
C ILE B 107 -20.99 3.39 -18.35
N SER B 108 -21.52 4.07 -19.36
CA SER B 108 -22.47 3.42 -20.25
C SER B 108 -21.84 2.26 -21.01
N LEU B 109 -20.55 2.36 -21.36
CA LEU B 109 -19.89 1.27 -22.06
C LEU B 109 -19.61 0.06 -21.18
N LEU B 110 -19.75 0.14 -19.86
CA LEU B 110 -19.56 -1.06 -19.04
C LEU B 110 -20.56 -2.15 -19.39
N ALA B 111 -21.72 -1.78 -19.93
CA ALA B 111 -22.77 -2.74 -20.25
C ALA B 111 -22.68 -3.25 -21.70
N SER B 112 -21.64 -2.86 -22.43
CA SER B 112 -21.51 -3.29 -23.82
C SER B 112 -21.53 -4.81 -23.91
N PRO B 113 -22.18 -5.39 -24.93
CA PRO B 113 -22.12 -6.84 -25.10
C PRO B 113 -20.78 -7.33 -25.62
N HIS B 114 -19.87 -6.43 -26.01
CA HIS B 114 -18.53 -6.79 -26.47
C HIS B 114 -17.58 -6.68 -25.28
N ALA B 115 -17.05 -7.81 -24.84
CA ALA B 115 -16.22 -7.83 -23.64
C ALA B 115 -14.98 -6.94 -23.80
N HIS B 116 -14.39 -6.89 -25.00
CA HIS B 116 -13.17 -6.09 -25.13
C HIS B 116 -13.47 -4.60 -25.00
N ILE B 117 -14.69 -4.17 -25.31
CA ILE B 117 -15.09 -2.77 -25.15
C ILE B 117 -15.40 -2.48 -23.69
N SER B 118 -16.12 -3.39 -23.03
CA SER B 118 -16.39 -3.19 -21.62
CA SER B 118 -16.39 -3.22 -21.61
C SER B 118 -15.08 -3.17 -20.82
N GLU B 119 -14.14 -4.05 -21.17
CA GLU B 119 -12.83 -4.05 -20.50
C GLU B 119 -12.09 -2.74 -20.72
N GLN B 120 -12.16 -2.18 -21.92
CA GLN B 120 -11.46 -0.93 -22.15
C GLN B 120 -12.08 0.20 -21.34
N ALA B 121 -13.40 0.17 -21.15
CA ALA B 121 -14.06 1.16 -20.32
C ALA B 121 -13.67 1.00 -18.87
N VAL B 122 -13.58 -0.24 -18.39
CA VAL B 122 -13.09 -0.50 -17.03
C VAL B 122 -11.72 0.14 -16.84
N TRP B 123 -10.84 -0.12 -17.80
CA TRP B 123 -9.47 0.38 -17.74
C TRP B 123 -9.43 1.89 -17.71
N ALA B 124 -10.19 2.54 -18.61
CA ALA B 124 -10.19 4.00 -18.67
C ALA B 124 -10.68 4.60 -17.36
N LEU B 125 -11.75 4.04 -16.78
CA LEU B 125 -12.25 4.55 -15.51
C LEU B 125 -11.24 4.35 -14.38
N GLY B 126 -10.48 3.26 -14.41
CA GLY B 126 -9.40 3.09 -13.45
C GLY B 126 -8.34 4.18 -13.53
N ASN B 127 -7.97 4.58 -14.76
CA ASN B 127 -7.01 5.68 -14.89
C ASN B 127 -7.57 6.99 -14.36
N ILE B 128 -8.84 7.28 -14.65
CA ILE B 128 -9.47 8.51 -14.17
C ILE B 128 -9.52 8.51 -12.65
N ALA B 129 -10.03 7.43 -12.04
CA ALA B 129 -10.07 7.33 -10.60
C ALA B 129 -8.68 7.37 -9.99
N GLY B 130 -7.68 6.84 -10.69
CA GLY B 130 -6.34 6.82 -10.14
C GLY B 130 -5.68 8.17 -10.08
N ASP B 131 -6.27 9.20 -10.70
CA ASP B 131 -5.69 10.53 -10.61
C ASP B 131 -5.67 11.05 -9.18
N GLY B 132 -6.64 10.70 -8.36
CA GLY B 132 -6.77 11.32 -7.05
C GLY B 132 -8.19 11.23 -6.53
N SER B 133 -8.34 11.73 -5.29
CA SER B 133 -9.59 11.56 -4.55
CA SER B 133 -9.59 11.53 -4.59
C SER B 133 -10.77 12.24 -5.25
N ALA B 134 -10.53 13.41 -5.86
CA ALA B 134 -11.65 14.13 -6.45
C ALA B 134 -12.22 13.39 -7.66
N PHE B 135 -11.36 12.95 -8.58
CA PHE B 135 -11.87 12.21 -9.74
C PHE B 135 -12.37 10.84 -9.35
N ARG B 136 -11.73 10.20 -8.37
CA ARG B 136 -12.25 8.96 -7.81
C ARG B 136 -13.69 9.15 -7.35
N ASP B 137 -13.94 10.18 -6.54
CA ASP B 137 -15.28 10.40 -6.02
C ASP B 137 -16.23 10.84 -7.12
N LEU B 138 -15.72 11.50 -8.16
CA LEU B 138 -16.59 11.88 -9.27
C LEU B 138 -17.01 10.66 -10.09
N VAL B 139 -16.10 9.70 -10.27
CA VAL B 139 -16.48 8.44 -10.93
C VAL B 139 -17.56 7.73 -10.13
N ILE B 140 -17.42 7.70 -8.81
CA ILE B 140 -18.40 7.07 -7.93
C ILE B 140 -19.76 7.79 -8.02
N LYS B 141 -19.74 9.13 -8.02
CA LYS B 141 -21.01 9.86 -8.11
C LYS B 141 -21.73 9.64 -9.45
N HIS B 142 -21.00 9.45 -10.55
CA HIS B 142 -21.64 9.12 -11.82
C HIS B 142 -22.18 7.69 -11.84
N GLY B 143 -22.03 6.93 -10.75
CA GLY B 143 -22.62 5.62 -10.65
C GLY B 143 -21.79 4.47 -11.21
N ALA B 144 -20.47 4.53 -11.10
CA ALA B 144 -19.65 3.48 -11.70
C ALA B 144 -19.68 2.15 -10.94
N ILE B 145 -20.02 2.14 -9.64
CA ILE B 145 -19.74 0.95 -8.83
C ILE B 145 -20.71 -0.17 -9.18
N ASP B 146 -21.99 0.15 -9.29
CA ASP B 146 -22.98 -0.90 -9.58
C ASP B 146 -22.66 -1.65 -10.86
N PRO B 147 -22.48 -1.00 -12.00
CA PRO B 147 -22.14 -1.76 -13.21
C PRO B 147 -20.77 -2.44 -13.15
N LEU B 148 -19.79 -1.86 -12.44
CA LEU B 148 -18.54 -2.57 -12.27
C LEU B 148 -18.74 -3.87 -11.51
N LEU B 149 -19.46 -3.82 -10.38
CA LEU B 149 -19.64 -5.02 -9.58
C LEU B 149 -20.49 -6.04 -10.30
N ALA B 150 -21.41 -5.60 -11.15
CA ALA B 150 -22.25 -6.50 -11.91
C ALA B 150 -21.43 -7.36 -12.86
N LEU B 151 -20.29 -6.86 -13.34
CA LEU B 151 -19.43 -7.67 -14.20
C LEU B 151 -18.79 -8.84 -13.46
N LEU B 152 -18.63 -8.75 -12.13
CA LEU B 152 -18.04 -9.82 -11.34
C LEU B 152 -19.09 -10.68 -10.64
N ALA B 153 -20.37 -10.45 -10.91
CA ALA B 153 -21.43 -11.20 -10.26
C ALA B 153 -21.71 -12.48 -11.04
N VAL B 154 -20.73 -13.38 -10.97
CA VAL B 154 -20.82 -14.70 -11.58
C VAL B 154 -20.59 -15.73 -10.47
N PRO B 155 -21.10 -16.96 -10.65
CA PRO B 155 -20.88 -17.98 -9.61
C PRO B 155 -19.42 -18.32 -9.35
N ASP B 156 -18.59 -18.35 -10.39
CA ASP B 156 -17.18 -18.71 -10.27
C ASP B 156 -16.36 -17.75 -11.11
N LEU B 157 -15.42 -17.04 -10.48
CA LEU B 157 -14.63 -16.02 -11.18
C LEU B 157 -13.78 -16.64 -12.26
N SER B 158 -13.43 -17.92 -12.13
CA SER B 158 -12.57 -18.60 -13.07
C SER B 158 -13.13 -18.67 -14.47
N THR B 159 -14.43 -18.45 -14.64
CA THR B 159 -15.01 -18.44 -15.98
C THR B 159 -14.76 -17.14 -16.73
N LEU B 160 -14.25 -16.09 -16.07
CA LEU B 160 -13.95 -14.84 -16.75
C LEU B 160 -12.53 -14.90 -17.31
N ALA B 161 -12.34 -14.18 -18.42
CA ALA B 161 -11.00 -14.06 -18.98
C ALA B 161 -10.06 -13.47 -17.95
N CYS B 162 -8.83 -13.98 -17.93
CA CYS B 162 -7.87 -13.59 -16.91
C CYS B 162 -7.52 -12.11 -17.00
N GLY B 163 -7.19 -11.62 -18.20
CA GLY B 163 -6.86 -10.22 -18.35
C GLY B 163 -8.02 -9.32 -17.94
N TYR B 164 -9.24 -9.74 -18.26
CA TYR B 164 -10.44 -9.01 -17.91
C TYR B 164 -10.57 -8.89 -16.39
N LEU B 165 -10.42 -10.00 -15.68
CA LEU B 165 -10.53 -9.98 -14.22
C LEU B 165 -9.43 -9.13 -13.58
N ARG B 166 -8.23 -9.15 -14.17
CA ARG B 166 -7.13 -8.35 -13.65
C ARG B 166 -7.39 -6.85 -13.79
N ASN B 167 -7.95 -6.44 -14.93
CA ASN B 167 -8.28 -5.03 -15.10
C ASN B 167 -9.41 -4.60 -14.16
N LEU B 168 -10.42 -5.45 -13.99
CA LEU B 168 -11.51 -5.14 -13.07
C LEU B 168 -10.99 -4.98 -11.64
N THR B 169 -10.14 -5.91 -11.20
CA THR B 169 -9.60 -5.82 -9.85
C THR B 169 -8.78 -4.55 -9.68
N TRP B 170 -7.97 -4.21 -10.68
CA TRP B 170 -7.12 -3.03 -10.63
C TRP B 170 -7.96 -1.76 -10.53
N THR B 171 -9.00 -1.65 -11.34
CA THR B 171 -9.84 -0.46 -11.29
C THR B 171 -10.54 -0.35 -9.93
N LEU B 172 -11.06 -1.47 -9.41
CA LEU B 172 -11.67 -1.42 -8.08
C LEU B 172 -10.67 -0.97 -7.04
N SER B 173 -9.41 -1.38 -7.18
CA SER B 173 -8.44 -0.97 -6.17
C SER B 173 -8.20 0.53 -6.20
N ASN B 174 -8.33 1.17 -7.38
CA ASN B 174 -8.18 2.61 -7.45
C ASN B 174 -9.38 3.32 -6.85
N LEU B 175 -10.55 2.68 -6.86
CA LEU B 175 -11.69 3.27 -6.17
C LEU B 175 -11.56 3.16 -4.65
N CYS B 176 -10.69 2.28 -4.15
CA CYS B 176 -10.38 2.22 -2.73
C CYS B 176 -9.20 3.09 -2.34
N ARG B 177 -8.51 3.64 -3.30
CA ARG B 177 -7.23 4.29 -3.07
C ARG B 177 -7.40 5.77 -2.75
N ASN B 178 -6.38 6.32 -2.07
CA ASN B 178 -6.18 7.73 -1.75
C ASN B 178 -6.99 8.19 -0.55
N LYS B 179 -6.53 9.28 0.05
CA LYS B 179 -7.07 9.85 1.27
C LYS B 179 -7.24 11.36 1.09
N ASN B 180 -7.70 12.01 2.14
CA ASN B 180 -7.90 13.45 2.11
C ASN B 180 -8.82 13.83 0.95
N PRO B 181 -10.02 13.25 0.88
CA PRO B 181 -10.57 12.30 1.84
C PRO B 181 -10.45 10.84 1.40
N ALA B 182 -10.79 9.94 2.30
CA ALA B 182 -10.88 8.53 1.98
C ALA B 182 -12.17 8.33 1.17
N PRO B 183 -12.33 7.16 0.53
CA PRO B 183 -13.53 6.94 -0.28
C PRO B 183 -14.77 6.94 0.59
N PRO B 184 -15.93 7.28 0.02
CA PRO B 184 -17.16 7.31 0.82
C PRO B 184 -17.43 5.97 1.49
N LEU B 185 -17.90 6.05 2.74
CA LEU B 185 -18.17 4.85 3.52
C LEU B 185 -19.12 3.91 2.81
N ASP B 186 -20.18 4.48 2.23
CA ASP B 186 -21.17 3.68 1.51
C ASP B 186 -20.55 2.99 0.31
N ALA B 187 -19.58 3.62 -0.34
CA ALA B 187 -18.96 2.99 -1.50
C ALA B 187 -18.07 1.83 -1.07
N VAL B 188 -17.37 1.99 0.05
CA VAL B 188 -16.55 0.91 0.59
C VAL B 188 -17.41 -0.29 0.94
N GLU B 189 -18.52 -0.05 1.66
CA GLU B 189 -19.37 -1.16 2.06
C GLU B 189 -19.91 -1.91 0.85
N GLN B 190 -20.22 -1.18 -0.22
CA GLN B 190 -20.72 -1.78 -1.46
C GLN B 190 -19.66 -2.64 -2.13
N ILE B 191 -18.39 -2.21 -2.09
CA ILE B 191 -17.33 -2.90 -2.82
C ILE B 191 -16.75 -4.07 -2.02
N LEU B 192 -16.77 -4.00 -0.69
CA LEU B 192 -16.00 -4.95 0.12
C LEU B 192 -16.36 -6.42 -0.14
N PRO B 193 -17.63 -6.81 -0.22
CA PRO B 193 -17.93 -8.24 -0.47
C PRO B 193 -17.29 -8.77 -1.74
N THR B 194 -17.18 -7.95 -2.78
CA THR B 194 -16.54 -8.40 -4.00
C THR B 194 -15.03 -8.47 -3.82
N LEU B 195 -14.47 -7.49 -3.12
N LEU B 195 -14.44 -7.48 -3.13
CA LEU B 195 -13.04 -7.51 -2.84
CA LEU B 195 -13.01 -7.54 -2.86
C LEU B 195 -12.64 -8.78 -2.08
C LEU B 195 -12.65 -8.81 -2.10
N VAL B 196 -13.42 -9.17 -1.08
CA VAL B 196 -13.12 -10.37 -0.31
C VAL B 196 -13.14 -11.59 -1.20
N ARG B 197 -14.03 -11.60 -2.20
CA ARG B 197 -14.08 -12.71 -3.14
CA ARG B 197 -14.09 -12.70 -3.17
C ARG B 197 -12.83 -12.74 -4.02
N LEU B 198 -12.39 -11.58 -4.52
CA LEU B 198 -11.19 -11.52 -5.37
C LEU B 198 -9.95 -11.92 -4.56
N LEU B 199 -9.97 -11.62 -3.27
CA LEU B 199 -8.89 -11.94 -2.36
C LEU B 199 -8.71 -13.45 -2.16
N HIS B 200 -9.70 -14.26 -2.52
CA HIS B 200 -9.55 -15.71 -2.50
C HIS B 200 -9.34 -16.32 -3.88
N HIS B 201 -9.13 -15.49 -4.90
CA HIS B 201 -8.96 -15.98 -6.26
C HIS B 201 -7.51 -16.41 -6.52
N ASN B 202 -7.37 -17.45 -7.32
N ASN B 202 -7.31 -17.42 -7.35
CA ASN B 202 -6.10 -18.10 -7.64
CA ASN B 202 -5.98 -18.03 -7.43
C ASN B 202 -5.43 -17.49 -8.88
C ASN B 202 -4.93 -17.22 -8.21
N ASP B 203 -5.33 -16.17 -8.93
CA ASP B 203 -4.41 -15.52 -9.86
C ASP B 203 -3.50 -14.56 -9.11
N PRO B 204 -2.17 -14.60 -9.33
CA PRO B 204 -1.27 -13.76 -8.52
C PRO B 204 -1.46 -12.27 -8.71
N GLU B 205 -1.85 -11.82 -9.91
CA GLU B 205 -2.03 -10.39 -10.10
C GLU B 205 -3.34 -9.91 -9.47
N VAL B 206 -4.39 -10.71 -9.57
CA VAL B 206 -5.63 -10.38 -8.87
C VAL B 206 -5.41 -10.35 -7.37
N LEU B 207 -4.65 -11.31 -6.84
CA LEU B 207 -4.40 -11.33 -5.40
C LEU B 207 -3.61 -10.11 -4.98
N ALA B 208 -2.61 -9.73 -5.76
CA ALA B 208 -1.79 -8.57 -5.43
C ALA B 208 -2.63 -7.28 -5.39
N ASP B 209 -3.46 -7.06 -6.40
CA ASP B 209 -4.25 -5.83 -6.44
C ASP B 209 -5.38 -5.85 -5.41
N SER B 210 -5.93 -7.02 -5.11
CA SER B 210 -6.87 -7.15 -3.99
C SER B 210 -6.22 -6.78 -2.67
N CYS B 211 -5.01 -7.30 -2.43
CA CYS B 211 -4.30 -6.92 -1.21
C CYS B 211 -4.03 -5.43 -1.17
N TRP B 212 -3.62 -4.82 -2.29
CA TRP B 212 -3.39 -3.37 -2.29
C TRP B 212 -4.66 -2.63 -1.87
N ALA B 213 -5.80 -3.05 -2.40
CA ALA B 213 -7.05 -2.39 -2.08
C ALA B 213 -7.35 -2.48 -0.60
N ILE B 214 -7.19 -3.67 -0.02
CA ILE B 214 -7.39 -3.83 1.42
C ILE B 214 -6.39 -2.96 2.17
N SER B 215 -5.17 -2.86 1.67
CA SER B 215 -4.19 -2.02 2.34
C SER B 215 -4.62 -0.55 2.32
N TYR B 216 -5.23 -0.09 1.22
CA TYR B 216 -5.72 1.29 1.22
C TYR B 216 -6.86 1.46 2.22
N LEU B 217 -7.78 0.50 2.25
CA LEU B 217 -8.96 0.64 3.09
C LEU B 217 -8.63 0.57 4.57
N THR B 218 -7.54 -0.12 4.94
CA THR B 218 -7.12 -0.18 6.34
C THR B 218 -6.15 0.93 6.70
N ASP B 219 -5.77 1.78 5.73
CA ASP B 219 -4.92 2.95 5.99
C ASP B 219 -5.81 4.11 6.41
N GLY B 220 -6.25 4.08 7.66
CA GLY B 220 -7.10 5.13 8.20
C GLY B 220 -7.43 4.91 9.67
N PRO B 221 -8.45 5.61 10.17
CA PRO B 221 -8.82 5.46 11.59
C PRO B 221 -9.49 4.12 11.85
N ASN B 222 -9.70 3.85 13.14
CA ASN B 222 -10.06 2.50 13.57
C ASN B 222 -11.40 2.05 13.01
N GLU B 223 -12.31 2.98 12.73
CA GLU B 223 -13.61 2.59 12.15
C GLU B 223 -13.43 2.03 10.75
N ARG B 224 -12.49 2.57 9.99
CA ARG B 224 -12.19 2.02 8.66
C ARG B 224 -11.61 0.62 8.77
N ILE B 225 -10.63 0.43 9.67
CA ILE B 225 -10.04 -0.89 9.90
C ILE B 225 -11.12 -1.88 10.29
N GLU B 226 -12.07 -1.43 11.12
CA GLU B 226 -13.08 -2.33 11.65
C GLU B 226 -13.98 -2.88 10.55
N MET B 227 -14.38 -2.04 9.60
CA MET B 227 -15.27 -2.58 8.56
C MET B 227 -14.56 -3.63 7.70
N VAL B 228 -13.23 -3.56 7.61
CA VAL B 228 -12.47 -4.58 6.90
C VAL B 228 -12.32 -5.84 7.75
N VAL B 229 -11.91 -5.69 9.00
CA VAL B 229 -11.73 -6.85 9.86
C VAL B 229 -13.04 -7.61 10.05
N LYS B 230 -14.16 -6.89 10.21
CA LYS B 230 -15.46 -7.52 10.38
C LYS B 230 -15.82 -8.44 9.21
N LYS B 231 -15.27 -8.19 8.02
CA LYS B 231 -15.52 -9.06 6.88
C LYS B 231 -14.69 -10.34 6.90
N GLY B 232 -13.87 -10.56 7.92
CA GLY B 232 -13.22 -11.84 8.11
C GLY B 232 -12.00 -12.08 7.27
N VAL B 233 -11.33 -11.02 6.80
CA VAL B 233 -10.24 -11.17 5.83
C VAL B 233 -8.89 -11.43 6.47
N VAL B 234 -8.75 -11.29 7.79
CA VAL B 234 -7.42 -11.39 8.39
C VAL B 234 -6.81 -12.78 8.18
N PRO B 235 -7.51 -13.88 8.42
CA PRO B 235 -6.89 -15.18 8.11
C PRO B 235 -6.35 -15.26 6.69
N GLN B 236 -7.07 -14.72 5.69
CA GLN B 236 -6.58 -14.80 4.32
C GLN B 236 -5.39 -13.89 4.10
N LEU B 237 -5.38 -12.71 4.73
CA LEU B 237 -4.20 -11.84 4.65
C LEU B 237 -2.97 -12.55 5.20
N VAL B 238 -3.13 -13.28 6.30
CA VAL B 238 -2.01 -13.99 6.92
C VAL B 238 -1.51 -15.10 6.00
N LYS B 239 -2.41 -15.83 5.34
CA LYS B 239 -1.97 -16.81 4.35
C LYS B 239 -1.18 -16.14 3.23
N LEU B 240 -1.68 -15.03 2.69
CA LEU B 240 -0.98 -14.35 1.60
C LEU B 240 0.34 -13.75 2.07
N LEU B 241 0.43 -13.43 3.35
CA LEU B 241 1.70 -13.02 3.94
C LEU B 241 2.78 -14.08 3.74
N GLY B 242 2.38 -15.35 3.68
CA GLY B 242 3.25 -16.47 3.39
C GLY B 242 3.52 -16.74 1.93
N ALA B 243 3.02 -15.93 1.01
CA ALA B 243 3.17 -16.25 -0.41
C ALA B 243 4.63 -16.16 -0.83
N THR B 244 4.96 -16.87 -1.90
CA THR B 244 6.31 -16.78 -2.45
C THR B 244 6.47 -15.55 -3.33
N GLU B 245 5.38 -15.02 -3.88
CA GLU B 245 5.46 -13.86 -4.76
C GLU B 245 5.59 -12.57 -3.95
N LEU B 246 6.71 -11.87 -4.12
CA LEU B 246 6.90 -10.56 -3.49
C LEU B 246 5.79 -9.57 -3.78
N PRO B 247 5.23 -9.49 -5.00
CA PRO B 247 4.12 -8.56 -5.23
C PRO B 247 2.87 -8.84 -4.41
N ILE B 248 2.72 -10.05 -3.87
CA ILE B 248 1.61 -10.37 -2.97
C ILE B 248 1.99 -10.10 -1.53
N VAL B 249 3.20 -10.49 -1.13
CA VAL B 249 3.61 -10.30 0.25
C VAL B 249 3.64 -8.82 0.59
N THR B 250 4.16 -7.98 -0.32
CA THR B 250 4.30 -6.56 -0.01
C THR B 250 2.97 -5.90 0.39
N PRO B 251 1.89 -5.99 -0.40
CA PRO B 251 0.62 -5.39 0.06
C PRO B 251 -0.04 -6.14 1.20
N ALA B 252 0.10 -7.47 1.30
CA ALA B 252 -0.47 -8.19 2.43
C ALA B 252 0.15 -7.70 3.72
N LEU B 253 1.45 -7.47 3.71
CA LEU B 253 2.15 -7.00 4.91
C LEU B 253 1.75 -5.57 5.24
N ARG B 254 1.63 -4.72 4.22
CA ARG B 254 1.13 -3.37 4.45
C ARG B 254 -0.24 -3.40 5.12
N ALA B 255 -1.15 -4.25 4.64
CA ALA B 255 -2.49 -4.33 5.21
C ALA B 255 -2.44 -4.80 6.67
N ILE B 256 -1.68 -5.86 6.94
CA ILE B 256 -1.56 -6.34 8.32
C ILE B 256 -0.96 -5.26 9.19
N GLY B 257 0.08 -4.58 8.68
CA GLY B 257 0.67 -3.50 9.43
C GLY B 257 -0.31 -2.38 9.75
N ASN B 258 -1.15 -2.02 8.78
CA ASN B 258 -2.17 -1.02 9.05
C ASN B 258 -3.13 -1.50 10.13
N ILE B 259 -3.57 -2.75 10.03
CA ILE B 259 -4.57 -3.25 10.95
C ILE B 259 -4.07 -3.16 12.39
N VAL B 260 -2.79 -3.49 12.64
CA VAL B 260 -2.27 -3.46 14.01
C VAL B 260 -1.97 -2.04 14.49
N THR B 261 -2.21 -1.01 13.68
CA THR B 261 -2.26 0.35 14.22
C THR B 261 -3.63 0.64 14.84
N GLY B 262 -4.59 -0.28 14.74
CA GLY B 262 -5.90 -0.08 15.29
C GLY B 262 -5.95 -0.33 16.79
N THR B 263 -7.06 -0.85 17.26
CA THR B 263 -7.19 -1.17 18.67
C THR B 263 -6.48 -2.47 19.00
N ASP B 264 -6.29 -2.69 20.30
CA ASP B 264 -5.66 -3.93 20.75
C ASP B 264 -6.49 -5.13 20.39
N GLU B 265 -7.81 -4.96 20.29
CA GLU B 265 -8.66 -6.07 19.89
C GLU B 265 -8.49 -6.40 18.40
N GLN B 266 -8.31 -5.36 17.56
CA GLN B 266 -8.03 -5.57 16.14
C GLN B 266 -6.66 -6.23 15.96
N THR B 267 -5.64 -5.75 16.68
CA THR B 267 -4.35 -6.41 16.70
C THR B 267 -4.48 -7.88 17.07
N GLN B 268 -5.33 -8.19 18.06
CA GLN B 268 -5.44 -9.56 18.54
C GLN B 268 -5.96 -10.48 17.46
N LYS B 269 -6.75 -9.95 16.52
CA LYS B 269 -7.23 -10.79 15.42
C LYS B 269 -6.06 -11.22 14.53
N VAL B 270 -5.09 -10.33 14.34
CA VAL B 270 -3.92 -10.69 13.56
C VAL B 270 -3.14 -11.81 14.25
N ILE B 271 -2.98 -11.70 15.58
CA ILE B 271 -2.23 -12.70 16.33
C ILE B 271 -2.98 -14.03 16.31
N ASP B 272 -4.30 -14.01 16.55
CA ASP B 272 -5.09 -15.24 16.58
C ASP B 272 -5.04 -15.98 15.26
N ALA B 273 -4.90 -15.24 14.15
CA ALA B 273 -4.86 -15.83 12.82
C ALA B 273 -3.51 -16.47 12.50
N GLY B 274 -2.50 -16.26 13.34
CA GLY B 274 -1.22 -16.91 13.18
C GLY B 274 -0.13 -16.06 12.56
N ALA B 275 -0.29 -14.73 12.57
CA ALA B 275 0.63 -13.90 11.81
C ALA B 275 2.04 -14.00 12.36
N LEU B 276 2.19 -14.13 13.69
CA LEU B 276 3.52 -14.05 14.28
C LEU B 276 4.43 -15.19 13.80
N ALA B 277 3.85 -16.33 13.41
CA ALA B 277 4.63 -17.44 12.90
C ALA B 277 5.34 -17.14 11.58
N VAL B 278 4.89 -16.12 10.83
CA VAL B 278 5.52 -15.74 9.58
C VAL B 278 6.69 -14.80 9.76
N PHE B 279 6.83 -14.19 10.94
CA PHE B 279 7.79 -13.10 11.08
C PHE B 279 9.26 -13.49 11.20
N PRO B 280 9.61 -14.71 11.59
CA PRO B 280 11.03 -15.09 11.43
C PRO B 280 11.51 -14.89 10.00
N SER B 281 10.68 -15.27 9.02
CA SER B 281 11.06 -15.09 7.61
CA SER B 281 11.06 -15.09 7.61
CA SER B 281 11.04 -15.09 7.61
C SER B 281 10.97 -13.63 7.20
N LEU B 282 9.92 -12.91 7.61
CA LEU B 282 9.79 -11.51 7.22
C LEU B 282 10.91 -10.66 7.80
N LEU B 283 11.27 -10.88 9.07
CA LEU B 283 12.33 -10.08 9.70
C LEU B 283 13.72 -10.43 9.20
N THR B 284 13.87 -11.50 8.41
CA THR B 284 15.14 -11.81 7.74
C THR B 284 15.03 -11.72 6.23
N ASN B 285 13.96 -11.12 5.72
CA ASN B 285 13.69 -11.17 4.29
C ASN B 285 14.78 -10.43 3.51
N PRO B 286 15.25 -11.00 2.39
CA PRO B 286 16.29 -10.31 1.61
C PRO B 286 15.87 -8.96 1.04
N LYS B 287 14.57 -8.69 0.90
CA LYS B 287 14.15 -7.36 0.43
C LYS B 287 14.08 -6.40 1.61
N THR B 288 14.87 -5.33 1.51
CA THR B 288 14.96 -4.33 2.57
C THR B 288 13.59 -3.82 2.99
N ASN B 289 12.71 -3.57 2.02
CA ASN B 289 11.42 -2.98 2.32
C ASN B 289 10.51 -3.92 3.09
N ILE B 290 10.60 -5.22 2.84
CA ILE B 290 9.87 -6.21 3.64
C ILE B 290 10.39 -6.20 5.08
N GLN B 291 11.70 -6.21 5.26
CA GLN B 291 12.26 -6.16 6.60
C GLN B 291 11.76 -4.92 7.33
N LYS B 292 11.79 -3.77 6.66
CA LYS B 292 11.41 -2.53 7.29
C LYS B 292 9.95 -2.55 7.71
N GLU B 293 9.07 -2.99 6.82
CA GLU B 293 7.64 -2.98 7.14
C GLU B 293 7.27 -4.08 8.13
N ALA B 294 8.00 -5.19 8.14
CA ALA B 294 7.79 -6.18 9.18
C ALA B 294 8.20 -5.65 10.55
N THR B 295 9.29 -4.91 10.63
CA THR B 295 9.71 -4.38 11.93
C THR B 295 8.78 -3.26 12.40
N TRP B 296 8.34 -2.39 11.48
CA TRP B 296 7.28 -1.43 11.78
C TRP B 296 6.06 -2.14 12.34
N THR B 297 5.62 -3.22 11.68
CA THR B 297 4.48 -3.98 12.19
C THR B 297 4.77 -4.50 13.61
N MET B 298 5.95 -5.07 13.83
CA MET B 298 6.29 -5.55 15.18
C MET B 298 6.22 -4.43 16.20
N SER B 299 6.64 -3.22 15.81
CA SER B 299 6.65 -2.09 16.73
C SER B 299 5.26 -1.71 17.19
N ASN B 300 4.25 -1.90 16.34
CA ASN B 300 2.88 -1.63 16.75
C ASN B 300 2.24 -2.82 17.43
N ILE B 301 2.88 -3.99 17.44
CA ILE B 301 2.42 -5.07 18.28
C ILE B 301 3.01 -4.97 19.68
N THR B 302 4.29 -4.59 19.80
CA THR B 302 4.85 -4.45 21.14
C THR B 302 4.34 -3.23 21.86
N ALA B 303 3.58 -2.37 21.18
CA ALA B 303 2.92 -1.26 21.83
C ALA B 303 1.58 -1.66 22.43
N GLY B 304 1.18 -2.91 22.31
CA GLY B 304 -0.07 -3.40 22.84
C GLY B 304 0.01 -3.84 24.29
N ARG B 305 -0.86 -4.79 24.62
CA ARG B 305 -1.03 -5.32 25.96
C ARG B 305 0.11 -6.28 26.32
N GLN B 306 0.25 -6.50 27.62
CA GLN B 306 1.31 -7.38 28.12
C GLN B 306 1.14 -8.82 27.65
N ASP B 307 -0.11 -9.30 27.51
CA ASP B 307 -0.34 -10.62 26.92
C ASP B 307 0.00 -10.66 25.42
N GLN B 308 0.00 -9.52 24.74
CA GLN B 308 0.37 -9.51 23.32
C GLN B 308 1.89 -9.48 23.18
N ILE B 309 2.56 -8.65 23.99
CA ILE B 309 4.01 -8.76 24.12
C ILE B 309 4.42 -10.19 24.44
N GLN B 310 3.66 -10.87 25.32
CA GLN B 310 4.04 -12.23 25.69
C GLN B 310 3.97 -13.17 24.50
N GLN B 311 3.04 -12.92 23.57
N GLN B 311 3.02 -12.93 23.57
CA GLN B 311 2.96 -13.77 22.40
CA GLN B 311 2.97 -13.78 22.39
C GLN B 311 4.11 -13.50 21.44
C GLN B 311 4.15 -13.51 21.46
N VAL B 312 4.61 -12.26 21.40
CA VAL B 312 5.85 -11.99 20.69
C VAL B 312 6.98 -12.83 21.27
N VAL B 313 7.06 -12.90 22.60
CA VAL B 313 8.11 -13.67 23.25
C VAL B 313 7.96 -15.15 22.91
N ASN B 314 6.75 -15.68 23.03
CA ASN B 314 6.52 -17.11 22.84
C ASN B 314 6.85 -17.57 21.43
N HIS B 315 6.61 -16.71 20.44
CA HIS B 315 6.92 -17.03 19.05
C HIS B 315 8.40 -16.89 18.73
N GLY B 316 9.21 -16.48 19.71
CA GLY B 316 10.64 -16.45 19.54
C GLY B 316 11.13 -15.25 18.77
N LEU B 317 10.38 -14.15 18.81
CA LEU B 317 10.67 -13.04 17.93
C LEU B 317 11.63 -12.04 18.53
N VAL B 318 11.86 -12.06 19.84
CA VAL B 318 12.80 -11.10 20.43
C VAL B 318 14.19 -11.30 19.87
N PRO B 319 14.71 -12.52 19.71
CA PRO B 319 16.01 -12.65 19.04
C PRO B 319 16.01 -12.09 17.63
N PHE B 320 14.89 -12.18 16.92
CA PHE B 320 14.86 -11.59 15.58
C PHE B 320 14.93 -10.06 15.64
N LEU B 321 14.30 -9.45 16.64
CA LEU B 321 14.47 -7.99 16.81
C LEU B 321 15.90 -7.63 17.20
N VAL B 322 16.54 -8.43 18.06
CA VAL B 322 17.96 -8.18 18.33
C VAL B 322 18.75 -8.24 17.04
N GLY B 323 18.44 -9.21 16.19
CA GLY B 323 19.17 -9.34 14.94
C GLY B 323 19.06 -8.11 14.06
N VAL B 324 17.84 -7.62 13.87
N VAL B 324 17.84 -7.58 13.88
CA VAL B 324 17.63 -6.44 13.03
CA VAL B 324 17.71 -6.43 12.98
C VAL B 324 18.37 -5.24 13.62
C VAL B 324 18.30 -5.18 13.60
N LEU B 325 18.21 -5.03 14.92
CA LEU B 325 18.91 -3.94 15.58
C LEU B 325 20.42 -4.04 15.37
N SER B 326 20.94 -5.27 15.30
CA SER B 326 22.38 -5.46 15.14
C SER B 326 22.84 -5.19 13.72
N LYS B 327 22.07 -5.65 12.73
CA LYS B 327 22.47 -5.51 11.34
C LYS B 327 21.23 -5.43 10.49
N ALA B 328 21.06 -4.28 9.84
CA ALA B 328 20.00 -4.09 8.87
C ALA B 328 20.20 -2.71 8.26
N ASP B 329 19.41 -2.41 7.24
CA ASP B 329 19.34 -1.06 6.73
C ASP B 329 18.93 -0.13 7.87
N PHE B 330 19.46 1.09 7.85
CA PHE B 330 19.26 1.99 8.98
C PHE B 330 17.79 2.31 9.21
N LYS B 331 17.00 2.44 8.15
CA LYS B 331 15.58 2.70 8.34
C LYS B 331 14.93 1.56 9.10
N THR B 332 15.36 0.32 8.83
CA THR B 332 14.84 -0.82 9.58
C THR B 332 15.32 -0.79 11.02
N GLN B 333 16.59 -0.44 11.24
CA GLN B 333 17.12 -0.34 12.59
C GLN B 333 16.34 0.68 13.40
N LYS B 334 15.87 1.75 12.76
CA LYS B 334 15.08 2.74 13.45
C LYS B 334 13.72 2.17 13.88
N GLU B 335 13.04 1.44 12.97
CA GLU B 335 11.81 0.77 13.38
C GLU B 335 12.07 -0.21 14.52
N ALA B 336 13.22 -0.90 14.49
CA ALA B 336 13.53 -1.85 15.57
C ALA B 336 13.72 -1.12 16.89
N ALA B 337 14.38 0.04 16.87
CA ALA B 337 14.50 0.83 18.08
C ALA B 337 13.13 1.19 18.65
N TRP B 338 12.20 1.59 17.78
CA TRP B 338 10.83 1.88 18.23
C TRP B 338 10.17 0.64 18.80
N ALA B 339 10.36 -0.49 18.15
CA ALA B 339 9.78 -1.72 18.67
C ALA B 339 10.30 -1.99 20.07
N ILE B 340 11.57 -1.66 20.34
CA ILE B 340 12.15 -1.92 21.65
C ILE B 340 11.64 -0.93 22.69
N THR B 341 11.54 0.35 22.36
CA THR B 341 11.00 1.31 23.32
C THR B 341 9.57 0.97 23.69
N ASN B 342 8.72 0.65 22.71
CA ASN B 342 7.35 0.26 23.02
C ASN B 342 7.32 -0.98 23.92
N TYR B 343 8.12 -2.00 23.57
CA TYR B 343 8.21 -3.20 24.40
C TYR B 343 8.55 -2.84 25.84
N THR B 344 9.57 -1.99 26.03
CA THR B 344 10.05 -1.71 27.37
C THR B 344 9.09 -0.78 28.13
N SER B 345 8.31 0.02 27.41
N SER B 345 8.32 0.03 27.41
CA SER B 345 7.35 0.91 28.06
CA SER B 345 7.34 0.91 28.06
C SER B 345 6.10 0.17 28.51
C SER B 345 6.15 0.11 28.58
N GLY B 346 5.73 -0.92 27.85
CA GLY B 346 4.54 -1.66 28.22
C GLY B 346 4.75 -3.02 28.85
N GLY B 347 5.99 -3.52 28.85
CA GLY B 347 6.20 -4.89 29.30
C GLY B 347 6.31 -5.02 30.80
N THR B 348 6.12 -6.25 31.28
CA THR B 348 6.43 -6.58 32.66
C THR B 348 7.94 -6.55 32.90
N VAL B 349 8.31 -6.60 34.19
CA VAL B 349 9.71 -6.70 34.57
C VAL B 349 10.33 -7.95 33.97
N GLU B 350 9.64 -9.08 34.09
CA GLU B 350 10.17 -10.34 33.58
C GLU B 350 10.33 -10.31 32.06
N GLN B 351 9.42 -9.63 31.35
CA GLN B 351 9.56 -9.48 29.90
C GLN B 351 10.77 -8.60 29.57
N ILE B 352 11.01 -7.57 30.38
CA ILE B 352 12.14 -6.68 30.13
C ILE B 352 13.47 -7.37 30.47
N VAL B 353 13.49 -8.17 31.53
CA VAL B 353 14.67 -8.97 31.84
C VAL B 353 15.00 -9.88 30.66
N TYR B 354 13.99 -10.58 30.12
CA TYR B 354 14.19 -11.49 29.00
C TYR B 354 14.81 -10.78 27.81
N LEU B 355 14.33 -9.57 27.52
CA LEU B 355 14.91 -8.73 26.48
C LEU B 355 16.43 -8.58 26.67
N VAL B 356 16.86 -8.31 27.91
CA VAL B 356 18.28 -8.11 28.14
C VAL B 356 19.04 -9.43 28.01
N HIS B 357 18.44 -10.54 28.46
CA HIS B 357 19.11 -11.83 28.32
C HIS B 357 19.27 -12.24 26.85
N CYS B 358 18.37 -11.77 25.96
CA CYS B 358 18.50 -12.02 24.53
C CYS B 358 19.60 -11.21 23.87
N GLY B 359 20.20 -10.25 24.56
CA GLY B 359 21.31 -9.50 24.02
C GLY B 359 21.00 -8.11 23.49
N ILE B 360 19.98 -7.43 24.02
CA ILE B 360 19.56 -6.17 23.40
C ILE B 360 20.56 -5.05 23.64
N ILE B 361 21.30 -5.09 24.74
CA ILE B 361 22.01 -3.89 25.20
C ILE B 361 23.08 -3.47 24.20
N GLU B 362 23.99 -4.39 23.85
CA GLU B 362 25.08 -4.00 22.96
C GLU B 362 24.59 -3.43 21.63
N PRO B 363 23.73 -4.10 20.87
CA PRO B 363 23.28 -3.50 19.60
C PRO B 363 22.58 -2.16 19.80
N LEU B 364 21.89 -1.98 20.93
CA LEU B 364 21.27 -0.72 21.25
C LEU B 364 22.32 0.38 21.46
N MET B 365 23.37 0.07 22.23
CA MET B 365 24.42 1.06 22.47
C MET B 365 25.13 1.46 21.19
N ASN B 366 25.45 0.49 20.31
CA ASN B 366 26.15 0.82 19.09
C ASN B 366 25.37 1.79 18.21
N LEU B 367 24.05 1.85 18.36
CA LEU B 367 23.25 2.75 17.54
C LEU B 367 23.21 4.17 18.07
N LEU B 368 23.78 4.43 19.24
CA LEU B 368 23.95 5.80 19.71
C LEU B 368 25.06 6.54 18.98
N SER B 369 25.75 5.89 18.04
CA SER B 369 26.70 6.54 17.16
C SER B 369 26.02 7.16 15.94
N ALA B 370 24.69 7.07 15.86
CA ALA B 370 23.97 7.52 14.69
C ALA B 370 23.86 9.04 14.67
N LYS B 371 23.94 9.60 13.46
CA LYS B 371 23.82 11.04 13.24
C LYS B 371 22.36 11.44 13.07
N ASP B 372 21.44 10.68 13.67
CA ASP B 372 20.02 10.88 13.52
C ASP B 372 19.43 11.14 14.91
N THR B 373 18.91 12.35 15.13
CA THR B 373 18.56 12.78 16.47
C THR B 373 17.45 11.90 17.07
N LYS B 374 16.47 11.52 16.25
CA LYS B 374 15.28 10.87 16.77
C LYS B 374 15.58 9.46 17.30
N ILE B 375 16.41 8.68 16.59
CA ILE B 375 16.72 7.35 17.10
C ILE B 375 17.41 7.46 18.44
N ILE B 376 18.24 8.49 18.62
CA ILE B 376 18.94 8.69 19.89
C ILE B 376 17.95 8.80 21.03
N GLN B 377 16.93 9.65 20.87
CA GLN B 377 15.94 9.82 21.93
C GLN B 377 15.22 8.51 22.21
N VAL B 378 14.81 7.81 21.15
CA VAL B 378 14.12 6.55 21.31
C VAL B 378 14.97 5.57 22.11
N ILE B 379 16.24 5.47 21.74
CA ILE B 379 17.13 4.53 22.43
C ILE B 379 17.29 4.92 23.90
N LEU B 380 17.54 6.21 24.15
CA LEU B 380 17.70 6.68 25.53
C LEU B 380 16.46 6.40 26.36
N ASP B 381 15.29 6.57 25.77
CA ASP B 381 14.05 6.27 26.49
C ASP B 381 13.92 4.79 26.81
N ALA B 382 14.39 3.91 25.92
CA ALA B 382 14.36 2.47 26.21
C ALA B 382 15.35 2.10 27.31
N ILE B 383 16.54 2.70 27.28
CA ILE B 383 17.52 2.45 28.33
C ILE B 383 16.95 2.87 29.68
N SER B 384 16.36 4.06 29.73
CA SER B 384 15.67 4.52 30.92
C SER B 384 14.65 3.49 31.39
N ASN B 385 13.81 3.00 30.47
CA ASN B 385 12.79 2.02 30.86
C ASN B 385 13.42 0.73 31.34
N ILE B 386 14.58 0.35 30.79
CA ILE B 386 15.21 -0.89 31.23
C ILE B 386 15.80 -0.71 32.62
N PHE B 387 16.39 0.47 32.89
CA PHE B 387 16.88 0.75 34.25
C PHE B 387 15.75 0.76 35.26
N GLN B 388 14.60 1.35 34.92
CA GLN B 388 13.48 1.34 35.85
C GLN B 388 13.07 -0.09 36.21
N ALA B 389 13.26 -1.03 35.30
CA ALA B 389 12.94 -2.42 35.61
C ALA B 389 13.99 -3.03 36.53
N ALA B 390 15.25 -2.69 36.33
CA ALA B 390 16.30 -3.19 37.21
C ALA B 390 16.14 -2.64 38.63
N GLU B 391 15.78 -1.35 38.75
CA GLU B 391 15.50 -0.78 40.07
C GLU B 391 14.53 -1.66 40.85
N LYS B 392 13.39 -2.01 40.23
CA LYS B 392 12.45 -2.91 40.89
C LYS B 392 13.09 -4.23 41.29
N LEU B 393 14.25 -4.56 40.72
CA LEU B 393 14.99 -5.76 41.08
C LEU B 393 16.26 -5.50 41.88
N GLY B 394 16.64 -4.23 42.03
CA GLY B 394 17.89 -3.89 42.70
C GLY B 394 19.13 -4.27 41.93
N GLU B 395 19.07 -4.21 40.59
CA GLU B 395 20.16 -4.68 39.75
C GLU B 395 20.67 -3.57 38.83
N THR B 396 20.34 -2.31 39.14
CA THR B 396 20.84 -1.19 38.36
C THR B 396 22.34 -1.22 38.19
N GLU B 397 23.04 -1.93 39.08
CA GLU B 397 24.50 -1.96 39.06
C GLU B 397 25.02 -2.90 38.00
N LYS B 398 24.54 -4.15 38.01
CA LYS B 398 24.92 -5.10 36.98
C LYS B 398 24.62 -4.56 35.59
N LEU B 399 23.54 -3.79 35.47
CA LEU B 399 23.18 -3.21 34.19
C LEU B 399 24.12 -2.07 33.82
N SER B 400 24.45 -1.20 34.78
CA SER B 400 25.44 -0.16 34.53
C SER B 400 26.75 -0.76 34.03
N ILE B 401 27.14 -1.90 34.58
CA ILE B 401 28.37 -2.56 34.17
C ILE B 401 28.26 -3.02 32.72
N MET B 402 27.21 -3.79 32.43
CA MET B 402 26.95 -4.21 31.05
C MET B 402 27.11 -3.05 30.08
N ILE B 403 26.51 -1.90 30.40
CA ILE B 403 26.53 -0.75 29.50
C ILE B 403 27.94 -0.19 29.38
N GLU B 404 28.65 -0.07 30.50
CA GLU B 404 30.03 0.41 30.44
C GLU B 404 30.91 -0.59 29.70
N GLU B 405 30.73 -1.88 29.97
CA GLU B 405 31.59 -2.91 29.41
C GLU B 405 31.56 -2.97 27.89
N CYS B 406 30.50 -2.47 27.25
CA CYS B 406 30.37 -2.54 25.80
C CYS B 406 30.55 -1.18 25.13
N GLY B 407 31.15 -0.22 25.83
CA GLY B 407 31.33 1.11 25.28
C GLY B 407 30.11 1.99 25.39
N GLY B 408 29.12 1.62 26.20
CA GLY B 408 27.89 2.39 26.26
C GLY B 408 28.08 3.72 26.99
N LEU B 409 28.74 3.70 28.15
CA LEU B 409 28.91 4.92 28.93
C LEU B 409 29.59 6.01 28.11
N ASP B 410 30.59 5.64 27.32
CA ASP B 410 31.29 6.62 26.51
C ASP B 410 30.33 7.33 25.55
N LYS B 411 29.48 6.55 24.87
CA LYS B 411 28.52 7.15 23.95
C LYS B 411 27.49 8.00 24.68
N ILE B 412 27.00 7.54 25.84
CA ILE B 412 26.05 8.34 26.62
C ILE B 412 26.70 9.63 27.08
N GLU B 413 27.98 9.56 27.47
CA GLU B 413 28.69 10.77 27.90
C GLU B 413 28.77 11.79 26.78
N ALA B 414 29.25 11.36 25.60
CA ALA B 414 29.36 12.27 24.46
C ALA B 414 28.06 13.03 24.20
N LEU B 415 26.91 12.40 24.48
CA LEU B 415 25.63 13.01 24.15
C LEU B 415 25.23 14.12 25.12
N GLN B 416 25.89 14.23 26.28
CA GLN B 416 25.67 15.40 27.13
C GLN B 416 26.01 16.69 26.41
N ARG B 417 26.85 16.63 25.38
CA ARG B 417 27.16 17.76 24.50
C ARG B 417 26.50 17.49 23.15
N HIS B 418 25.19 17.69 23.10
CA HIS B 418 24.43 17.46 21.88
C HIS B 418 23.52 18.65 21.61
N GLU B 419 23.43 19.05 20.34
CA GLU B 419 22.70 20.25 19.94
C GLU B 419 21.20 20.15 20.21
N ASN B 420 20.70 19.00 20.64
CA ASN B 420 19.28 18.82 20.88
C ASN B 420 18.98 18.96 22.36
N GLU B 421 17.83 19.54 22.67
CA GLU B 421 17.38 19.74 24.04
C GLU B 421 17.23 18.42 24.78
N SER B 422 16.22 17.63 24.41
CA SER B 422 15.87 16.46 25.19
C SER B 422 16.95 15.39 25.19
N VAL B 423 17.87 15.40 24.22
CA VAL B 423 18.97 14.45 24.20
C VAL B 423 19.83 14.63 25.44
N TYR B 424 20.56 15.75 25.51
CA TYR B 424 21.56 15.90 26.57
C TYR B 424 20.92 16.03 27.95
N LYS B 425 19.62 16.29 28.03
CA LYS B 425 18.94 16.27 29.32
C LYS B 425 18.72 14.84 29.80
N ALA B 426 18.18 13.99 28.92
CA ALA B 426 18.02 12.58 29.26
C ALA B 426 19.38 11.89 29.38
N SER B 427 20.33 12.24 28.52
CA SER B 427 21.68 11.72 28.65
C SER B 427 22.24 12.01 30.03
N LEU B 428 22.17 13.28 30.46
CA LEU B 428 22.70 13.66 31.76
C LEU B 428 22.00 12.90 32.89
N ASN B 429 20.67 12.80 32.82
CA ASN B 429 19.92 12.18 33.91
C ASN B 429 20.34 10.73 34.14
N LEU B 430 20.58 9.99 33.05
CA LEU B 430 21.05 8.61 33.20
C LEU B 430 22.44 8.57 33.83
N ILE B 431 23.34 9.40 33.31
CA ILE B 431 24.73 9.36 33.74
C ILE B 431 24.85 9.62 35.24
N GLU B 432 23.99 10.50 35.77
CA GLU B 432 24.07 10.83 37.18
C GLU B 432 23.32 9.81 38.03
N LYS B 433 22.09 9.48 37.64
CA LYS B 433 21.24 8.61 38.45
C LYS B 433 21.75 7.18 38.51
N TYR B 434 22.65 6.78 37.59
CA TYR B 434 23.08 5.40 37.49
C TYR B 434 24.58 5.21 37.28
N PHE B 435 25.34 6.24 36.91
CA PHE B 435 26.77 6.08 36.64
C PHE B 435 27.65 7.03 37.47
C1 GOL C . 8.96 -13.35 29.59
O1 GOL C . 7.78 -13.06 30.34
C2 GOL C . 9.26 -14.89 29.76
O2 GOL C . 8.51 -15.68 28.89
C3 GOL C . 10.77 -15.06 29.52
O3 GOL C . 11.03 -16.43 29.61
H11 GOL C . 9.73 -12.85 29.88
H12 GOL C . 8.84 -13.15 28.65
HO1 GOL C . 7.15 -12.99 29.79
H2 GOL C . 9.01 -15.19 30.65
HO2 GOL C . 8.94 -16.39 28.74
H31 GOL C . 11.26 -14.52 30.17
H32 GOL C . 11.01 -14.70 28.65
C1 GOL D . -3.83 8.76 -44.79
O1 GOL D . -4.21 8.01 -45.89
C2 GOL D . -2.30 8.95 -44.84
O2 GOL D . -1.83 9.46 -43.65
C3 GOL D . -1.70 7.54 -45.13
O3 GOL D . -1.17 7.58 -46.42
H11 GOL D . -4.07 8.35 -43.95
H12 GOL D . -4.26 9.63 -44.80
HO1 GOL D . -5.04 7.82 -45.79
H2 GOL D . -2.04 9.59 -45.52
H31 GOL D . -2.39 6.87 -45.00
H32 GOL D . -1.02 7.34 -44.47
HO3 GOL D . -0.45 8.03 -46.37
C1 GOL E . -1.12 -18.33 -3.50
O1 GOL E . -0.94 -17.81 -2.20
C2 GOL E . -0.04 -17.69 -4.42
O2 GOL E . 1.25 -17.87 -3.92
C3 GOL E . -0.22 -18.35 -5.85
O3 GOL E . -1.32 -17.73 -6.51
H11 GOL E . -2.01 -18.15 -3.86
H12 GOL E . -1.03 -19.29 -3.52
HO1 GOL E . -0.11 -17.86 -2.04
H2 GOL E . -0.17 -16.73 -4.48
HO2 GOL E . 1.63 -17.12 -3.90
H31 GOL E . -0.33 -19.31 -5.74
H32 GOL E . 0.61 -18.25 -6.36
HO3 GOL E . -1.97 -18.28 -6.48
C1 GOL F . 18.40 -7.83 34.20
O1 GOL F . 18.20 -6.48 34.44
C2 GOL F . 19.32 -8.35 35.33
O2 GOL F . 19.31 -9.74 35.44
C3 GOL F . 20.70 -7.77 34.97
O3 GOL F . 20.48 -6.47 34.52
H11 GOL F . 18.82 -8.01 33.34
H12 GOL F . 17.57 -8.32 34.19
HO1 GOL F . 18.58 -6.06 33.80
H2 GOL F . 19.01 -8.01 36.19
HO2 GOL F . 18.77 -9.96 36.05
H31 GOL F . 21.14 -8.35 34.32
H32 GOL F . 21.28 -7.79 35.75
HO3 GOL F . 20.55 -5.96 35.20
#